data_6J81
#
_entry.id   6J81
#
_cell.length_a   60.060
_cell.length_b   60.060
_cell.length_c   153.420
_cell.angle_alpha   90.000
_cell.angle_beta   90.000
_cell.angle_gamma   90.000
#
_symmetry.space_group_name_H-M   'P 41 21 2'
#
loop_
_entity.id
_entity.type
_entity.pdbx_description
1 polymer 'LIPID-TRANSFER PROTEIN CERT'
2 non-polymer 2-[4-[4-propyl-3-[(1~{S},2~{R})-2-pyridin-2-ylcyclopropyl]phenyl]phenyl]sulfonylethanol
3 water water
#
_entity_poly.entity_id   1
_entity_poly.type   'polypeptide(L)'
_entity_poly.pdbx_seq_one_letter_code
;GPTHRFVQKVEEMVQNHMTYSLQDVGGDANWQLVVEEGEMKVYRREVEENGIVLDPLKATHAVKGVTGHEVCNYFWNVDV
RNDWETTIENFHVVETLADNAIIIYQTHKRVWPASQRDVLYLSVIRKIPALTENDPETWIVCNFSVDHDSAPLNNRCVRA
KINVAMICQTLVSPPEGNQEISRDNILCKITYVANVNPGGWAPASVLRAVAKREYPKFLKRFTSYVQEKTAGKPILF
;
_entity_poly.pdbx_strand_id   A
#
loop_
_chem_comp.id
_chem_comp.type
_chem_comp.name
_chem_comp.formula
B8X non-polymer 2-[4-[4-propyl-3-[(1~{S},2~{R})-2-pyridin-2-ylcyclopropyl]phenyl]phenyl]sulfonylethanol 'C25 H27 N O3 S'
#
# COMPACT_ATOMS: atom_id res chain seq x y z
N THR A 3 -9.00 21.47 -5.74
CA THR A 3 -9.99 21.23 -4.67
C THR A 3 -11.13 20.36 -5.18
N HIS A 4 -11.09 19.08 -4.82
CA HIS A 4 -12.21 18.17 -5.00
C HIS A 4 -12.84 17.90 -3.64
N ARG A 5 -13.95 17.16 -3.61
CA ARG A 5 -14.73 17.03 -2.40
C ARG A 5 -14.02 16.23 -1.31
N PHE A 6 -12.91 15.57 -1.64
CA PHE A 6 -12.24 14.70 -0.67
C PHE A 6 -10.98 15.35 -0.07
N VAL A 7 -10.74 16.64 -0.36
CA VAL A 7 -9.41 17.22 -0.11
C VAL A 7 -9.12 17.19 1.38
N GLN A 8 -10.14 17.48 2.18
CA GLN A 8 -9.96 17.55 3.61
C GLN A 8 -9.78 16.15 4.20
N LYS A 9 -10.52 15.16 3.70
CA LYS A 9 -10.32 13.78 4.13
C LYS A 9 -8.92 13.29 3.76
N VAL A 10 -8.45 13.57 2.54
CA VAL A 10 -7.11 13.20 2.14
C VAL A 10 -6.09 13.79 3.10
N GLU A 11 -6.31 15.04 3.47
CA GLU A 11 -5.29 15.66 4.31
C GLU A 11 -5.27 15.01 5.70
N GLU A 12 -6.42 14.66 6.23
CA GLU A 12 -6.44 13.99 7.52
C GLU A 12 -5.75 12.61 7.45
N MET A 13 -6.06 11.80 6.42
CA MET A 13 -5.42 10.50 6.24
C MET A 13 -3.91 10.60 6.08
N VAL A 14 -3.43 11.54 5.28
CA VAL A 14 -2.01 11.69 5.02
C VAL A 14 -1.31 12.12 6.31
N GLN A 15 -1.92 13.05 7.05
CA GLN A 15 -1.27 13.55 8.26
C GLN A 15 -1.25 12.48 9.37
N ASN A 16 -2.34 11.71 9.51
CA ASN A 16 -2.33 10.60 10.45
C ASN A 16 -1.21 9.62 10.12
N HIS A 17 -1.01 9.30 8.83
CA HIS A 17 0.06 8.38 8.50
C HIS A 17 1.43 8.99 8.81
N MET A 18 1.61 10.28 8.51
CA MET A 18 2.89 10.91 8.79
C MET A 18 3.14 10.92 10.30
N THR A 19 2.07 11.06 11.08
CA THR A 19 2.26 11.16 12.52
C THR A 19 2.53 9.80 13.16
N TYR A 20 1.76 8.76 12.76
CA TYR A 20 1.73 7.50 13.47
C TYR A 20 2.36 6.36 12.67
N SER A 21 2.19 6.35 11.34
CA SER A 21 2.66 5.21 10.59
C SER A 21 4.16 5.19 10.44
N LEU A 22 4.82 6.35 10.45
CA LEU A 22 6.24 6.37 10.18
C LEU A 22 7.10 5.92 11.36
N GLN A 23 6.54 5.86 12.56
CA GLN A 23 7.29 5.59 13.79
C GLN A 23 7.95 4.22 13.74
N ASP A 24 9.19 4.15 14.25
CA ASP A 24 9.95 2.90 14.21
C ASP A 24 9.36 1.88 15.19
N VAL A 25 9.20 0.62 14.77
CA VAL A 25 8.57 -0.36 15.64
C VAL A 25 9.60 -1.39 16.10
N GLY A 26 10.90 -1.17 15.80
CA GLY A 26 11.93 -2.11 16.24
C GLY A 26 11.98 -2.27 17.77
N GLY A 27 11.78 -1.16 18.49
CA GLY A 27 11.71 -1.22 19.94
C GLY A 27 10.32 -1.46 20.52
N ASP A 28 9.31 -1.84 19.68
CA ASP A 28 7.94 -1.94 20.18
C ASP A 28 7.44 -3.40 20.16
N ALA A 29 7.39 -4.02 21.36
CA ALA A 29 7.01 -5.43 21.49
C ALA A 29 5.55 -5.65 21.09
N ASN A 30 4.76 -4.58 20.89
CA ASN A 30 3.36 -4.77 20.52
C ASN A 30 3.23 -5.27 19.08
N TRP A 31 4.29 -5.06 18.29
CA TRP A 31 4.29 -5.50 16.90
C TRP A 31 5.03 -6.81 16.82
N GLN A 32 4.48 -7.79 16.09
CA GLN A 32 5.21 -9.04 16.02
C GLN A 32 6.00 -9.06 14.71
N LEU A 33 7.33 -9.28 14.78
CA LEU A 33 8.10 -9.37 13.54
C LEU A 33 7.89 -10.77 12.93
N VAL A 34 7.28 -10.84 11.75
CA VAL A 34 6.79 -12.12 11.26
C VAL A 34 7.73 -12.71 10.21
N VAL A 35 8.31 -11.87 9.35
CA VAL A 35 9.18 -12.32 8.27
C VAL A 35 10.29 -11.28 8.16
N GLU A 36 11.56 -11.72 8.03
CA GLU A 36 12.64 -10.80 7.74
C GLU A 36 13.44 -11.37 6.58
N GLU A 37 13.67 -10.53 5.58
CA GLU A 37 14.51 -10.94 4.46
C GLU A 37 15.42 -9.75 4.15
N GLY A 38 16.57 -9.70 4.83
CA GLY A 38 17.49 -8.57 4.73
C GLY A 38 16.95 -7.31 5.43
N GLU A 39 16.92 -6.21 4.67
CA GLU A 39 16.33 -4.96 5.14
C GLU A 39 14.79 -5.01 5.08
N MET A 40 14.21 -6.00 4.37
CA MET A 40 12.75 -6.16 4.39
C MET A 40 12.27 -6.79 5.70
N LYS A 41 11.43 -6.07 6.44
CA LYS A 41 10.98 -6.52 7.75
C LYS A 41 9.46 -6.37 7.78
N VAL A 42 8.72 -7.47 8.05
CA VAL A 42 7.28 -7.43 7.94
C VAL A 42 6.73 -7.79 9.31
N TYR A 43 5.84 -6.91 9.84
CA TYR A 43 5.32 -7.10 11.19
C TYR A 43 3.79 -7.15 11.11
N ARG A 44 3.16 -7.70 12.15
CA ARG A 44 1.70 -7.65 12.25
C ARG A 44 1.31 -7.57 13.72
N ARG A 45 0.04 -7.19 13.97
CA ARG A 45 -0.59 -7.40 15.26
C ARG A 45 -1.76 -8.34 15.03
N GLU A 46 -2.03 -9.23 15.99
CA GLU A 46 -3.10 -10.19 15.79
C GLU A 46 -4.36 -9.56 16.37
N VAL A 47 -5.30 -9.18 15.48
CA VAL A 47 -6.49 -8.47 15.90
C VAL A 47 -7.69 -9.12 15.22
N GLU A 48 -8.78 -9.38 15.96
CA GLU A 48 -10.03 -9.80 15.32
C GLU A 48 -11.20 -8.98 15.85
N GLU A 49 -12.16 -8.69 14.97
CA GLU A 49 -13.38 -8.00 15.39
C GLU A 49 -14.54 -8.87 14.93
N ASN A 50 -15.38 -9.25 15.89
CA ASN A 50 -16.49 -10.16 15.65
C ASN A 50 -16.04 -11.41 14.91
N GLY A 51 -14.92 -12.02 15.30
CA GLY A 51 -14.44 -13.23 14.69
C GLY A 51 -13.75 -13.00 13.35
N ILE A 52 -13.56 -11.75 12.96
CA ILE A 52 -12.99 -11.54 11.64
C ILE A 52 -11.57 -10.98 11.76
N VAL A 53 -10.62 -11.60 11.06
CA VAL A 53 -9.24 -11.12 11.19
C VAL A 53 -9.09 -9.72 10.58
N LEU A 54 -8.53 -8.79 11.37
CA LEU A 54 -8.17 -7.46 10.92
C LEU A 54 -6.68 -7.21 10.91
N ASP A 55 -5.87 -8.17 11.40
CA ASP A 55 -4.44 -7.99 11.63
C ASP A 55 -3.81 -6.82 10.89
N PRO A 56 -3.53 -5.70 11.57
CA PRO A 56 -2.69 -4.64 10.99
C PRO A 56 -1.35 -5.17 10.50
N LEU A 57 -0.90 -4.69 9.34
CA LEU A 57 0.38 -5.10 8.74
C LEU A 57 1.24 -3.84 8.65
N LYS A 58 2.52 -3.97 9.02
CA LYS A 58 3.42 -2.83 8.85
C LYS A 58 4.73 -3.43 8.39
N ALA A 59 5.35 -2.82 7.37
CA ALA A 59 6.61 -3.36 6.90
C ALA A 59 7.56 -2.19 6.62
N THR A 60 8.86 -2.46 6.72
CA THR A 60 9.87 -1.51 6.26
C THR A 60 10.80 -2.22 5.29
N HIS A 61 11.42 -1.43 4.43
CA HIS A 61 12.30 -1.97 3.42
C HIS A 61 13.30 -0.86 3.07
N ALA A 62 14.44 -1.26 2.55
CA ALA A 62 15.42 -0.28 2.08
C ALA A 62 15.87 -0.72 0.68
N VAL A 63 15.59 0.12 -0.32
CA VAL A 63 15.73 -0.30 -1.70
C VAL A 63 16.81 0.54 -2.39
N LYS A 64 17.88 -0.13 -2.83
CA LYS A 64 18.97 0.64 -3.43
C LYS A 64 18.62 1.16 -4.81
N GLY A 65 19.10 2.36 -5.18
CA GLY A 65 19.01 2.74 -6.58
C GLY A 65 17.71 3.38 -7.09
N VAL A 66 16.74 3.71 -6.21
CA VAL A 66 15.52 4.35 -6.65
C VAL A 66 15.19 5.41 -5.59
N THR A 67 14.37 6.38 -6.00
CA THR A 67 13.94 7.44 -5.12
C THR A 67 12.52 7.13 -4.67
N GLY A 68 12.13 7.82 -3.61
CA GLY A 68 10.79 7.80 -3.05
C GLY A 68 9.76 8.32 -4.06
N HIS A 69 10.14 9.35 -4.81
CA HIS A 69 9.24 9.86 -5.81
C HIS A 69 8.93 8.79 -6.87
N GLU A 70 9.96 8.10 -7.31
CA GLU A 70 9.78 7.09 -8.34
C GLU A 70 9.00 5.91 -7.74
N VAL A 71 9.37 5.46 -6.55
CA VAL A 71 8.63 4.35 -5.93
C VAL A 71 7.13 4.69 -5.87
N CYS A 72 6.78 5.91 -5.43
CA CYS A 72 5.40 6.30 -5.24
C CYS A 72 4.66 6.42 -6.58
N ASN A 73 5.34 7.00 -7.60
CA ASN A 73 4.75 7.12 -8.92
C ASN A 73 4.34 5.74 -9.44
N TYR A 74 5.25 4.76 -9.33
CA TYR A 74 4.96 3.44 -9.88
C TYR A 74 3.90 2.72 -9.06
N PHE A 75 3.88 2.94 -7.75
CA PHE A 75 2.82 2.37 -6.92
C PHE A 75 1.46 2.97 -7.26
N TRP A 76 1.43 4.27 -7.59
CA TRP A 76 0.19 4.98 -7.78
C TRP A 76 -0.35 4.84 -9.23
N ASN A 77 0.53 4.73 -10.21
CA ASN A 77 0.13 4.97 -11.60
C ASN A 77 -0.64 3.75 -12.12
N VAL A 78 -1.94 3.90 -12.37
CA VAL A 78 -2.72 2.71 -12.77
C VAL A 78 -2.23 2.12 -14.08
N ASP A 79 -1.48 2.87 -14.88
CA ASP A 79 -1.14 2.30 -16.18
C ASP A 79 -0.05 1.24 -16.05
N VAL A 80 0.58 1.10 -14.89
CA VAL A 80 1.64 0.10 -14.78
C VAL A 80 1.18 -1.01 -13.82
N ARG A 81 -0.05 -0.86 -13.33
CA ARG A 81 -0.60 -1.69 -12.26
C ARG A 81 -0.46 -3.17 -12.61
N ASN A 82 -0.80 -3.56 -13.86
CA ASN A 82 -0.77 -4.98 -14.19
C ASN A 82 0.65 -5.49 -14.38
N ASP A 83 1.65 -4.59 -14.40
CA ASP A 83 3.02 -5.07 -14.49
C ASP A 83 3.53 -5.68 -13.18
N TRP A 84 2.95 -5.33 -12.03
CA TRP A 84 3.54 -5.82 -10.80
C TRP A 84 2.49 -6.51 -9.92
N GLU A 85 1.21 -6.15 -10.09
CA GLU A 85 0.17 -6.70 -9.23
C GLU A 85 -0.06 -8.15 -9.65
N THR A 86 -0.25 -9.08 -8.69
CA THR A 86 -0.55 -10.46 -9.04
C THR A 86 -1.87 -10.94 -8.42
N THR A 87 -2.54 -10.13 -7.61
CA THR A 87 -3.71 -10.66 -6.93
C THR A 87 -5.01 -10.02 -7.41
N ILE A 88 -4.95 -9.19 -8.45
CA ILE A 88 -6.12 -8.46 -8.96
C ILE A 88 -6.75 -9.21 -10.14
N GLU A 89 -8.08 -9.39 -10.11
CA GLU A 89 -8.82 -9.95 -11.22
C GLU A 89 -9.17 -8.82 -12.20
N ASN A 90 -9.70 -7.70 -11.67
CA ASN A 90 -10.20 -6.64 -12.55
C ASN A 90 -10.03 -5.31 -11.82
N PHE A 91 -9.81 -4.19 -12.53
CA PHE A 91 -9.98 -2.93 -11.83
C PHE A 91 -10.56 -1.91 -12.82
N HIS A 92 -11.24 -0.92 -12.27
CA HIS A 92 -11.83 0.13 -13.09
C HIS A 92 -11.56 1.45 -12.38
N VAL A 93 -11.08 2.48 -13.10
CA VAL A 93 -11.07 3.82 -12.49
C VAL A 93 -12.48 4.39 -12.51
N VAL A 94 -13.05 4.64 -11.33
CA VAL A 94 -14.44 5.09 -11.15
C VAL A 94 -14.54 6.61 -11.34
N GLU A 95 -13.54 7.33 -10.86
CA GLU A 95 -13.67 8.78 -10.83
C GLU A 95 -12.29 9.40 -10.83
N THR A 96 -12.09 10.47 -11.64
CA THR A 96 -10.81 11.15 -11.59
C THR A 96 -11.04 12.40 -10.75
N LEU A 97 -10.40 12.54 -9.56
CA LEU A 97 -10.65 13.71 -8.71
C LEU A 97 -9.70 14.87 -9.03
N ALA A 98 -8.46 14.56 -9.39
CA ALA A 98 -7.37 15.51 -9.58
C ALA A 98 -6.22 14.81 -10.27
N ASP A 99 -5.19 15.58 -10.60
CA ASP A 99 -4.08 14.94 -11.28
C ASP A 99 -3.35 13.99 -10.32
N ASN A 100 -3.66 14.05 -9.01
CA ASN A 100 -2.91 13.20 -8.07
C ASN A 100 -3.86 12.30 -7.27
N ALA A 101 -5.15 12.23 -7.68
CA ALA A 101 -6.16 11.51 -6.91
C ALA A 101 -7.24 10.89 -7.80
N ILE A 102 -7.50 9.61 -7.57
CA ILE A 102 -8.53 8.88 -8.31
C ILE A 102 -9.28 7.97 -7.34
N ILE A 103 -10.42 7.47 -7.80
CA ILE A 103 -11.19 6.48 -7.07
C ILE A 103 -11.20 5.23 -7.94
N ILE A 104 -10.81 4.09 -7.33
CA ILE A 104 -10.63 2.81 -8.02
C ILE A 104 -11.58 1.77 -7.46
N TYR A 105 -12.15 0.96 -8.38
CA TYR A 105 -12.84 -0.26 -7.99
C TYR A 105 -11.98 -1.45 -8.44
N GLN A 106 -11.82 -2.46 -7.57
CA GLN A 106 -11.06 -3.61 -8.05
C GLN A 106 -11.53 -4.89 -7.37
N THR A 107 -11.34 -6.01 -8.08
CA THR A 107 -11.72 -7.30 -7.51
C THR A 107 -10.43 -8.08 -7.37
N HIS A 108 -10.31 -8.88 -6.29
CA HIS A 108 -9.14 -9.70 -6.04
C HIS A 108 -9.41 -11.16 -6.41
N LYS A 109 -8.38 -11.87 -6.89
CA LYS A 109 -8.55 -13.30 -7.14
C LYS A 109 -9.00 -14.00 -5.86
N ARG A 110 -9.89 -14.99 -6.03
CA ARG A 110 -10.50 -15.61 -4.87
C ARG A 110 -9.42 -16.47 -4.23
N VAL A 111 -9.38 -16.53 -2.90
CA VAL A 111 -8.53 -17.53 -2.28
C VAL A 111 -9.41 -18.59 -1.61
N TRP A 112 -9.52 -19.75 -2.25
CA TRP A 112 -10.38 -20.79 -1.72
C TRP A 112 -10.06 -21.06 -0.23
N PRO A 113 -11.05 -21.28 0.66
CA PRO A 113 -12.46 -21.35 0.30
C PRO A 113 -13.23 -20.06 0.59
N ALA A 114 -12.53 -18.93 0.76
CA ALA A 114 -13.26 -17.71 1.10
C ALA A 114 -13.89 -17.15 -0.17
N SER A 115 -14.99 -16.39 0.01
CA SER A 115 -15.63 -15.67 -1.08
C SER A 115 -14.65 -14.65 -1.65
N GLN A 116 -14.80 -14.32 -2.94
CA GLN A 116 -14.02 -13.24 -3.54
C GLN A 116 -14.32 -11.93 -2.81
N ARG A 117 -13.29 -11.06 -2.73
CA ARG A 117 -13.48 -9.69 -2.24
C ARG A 117 -13.35 -8.64 -3.35
N ASP A 118 -14.10 -7.53 -3.17
CA ASP A 118 -13.84 -6.35 -3.98
C ASP A 118 -13.57 -5.16 -3.05
N VAL A 119 -13.10 -4.06 -3.64
CA VAL A 119 -12.69 -2.88 -2.87
C VAL A 119 -13.00 -1.62 -3.69
N LEU A 120 -13.29 -0.54 -2.98
CA LEU A 120 -13.59 0.74 -3.64
C LEU A 120 -12.85 1.80 -2.84
N TYR A 121 -11.84 2.41 -3.46
CA TYR A 121 -10.97 3.22 -2.59
C TYR A 121 -10.48 4.45 -3.36
N LEU A 122 -10.19 5.53 -2.61
CA LEU A 122 -9.48 6.65 -3.17
C LEU A 122 -7.98 6.40 -3.05
N SER A 123 -7.24 6.74 -4.10
CA SER A 123 -5.80 6.58 -4.17
C SER A 123 -5.19 7.93 -4.50
N VAL A 124 -4.31 8.41 -3.60
CA VAL A 124 -3.76 9.76 -3.75
C VAL A 124 -2.26 9.70 -3.55
N ILE A 125 -1.50 10.52 -4.31
CA ILE A 125 -0.07 10.57 -4.18
C ILE A 125 0.27 12.00 -3.77
N ARG A 126 1.06 12.14 -2.71
CA ARG A 126 1.37 13.48 -2.17
C ARG A 126 2.88 13.58 -1.86
N LYS A 127 3.46 14.77 -2.10
CA LYS A 127 4.80 15.05 -1.57
C LYS A 127 4.66 15.87 -0.28
N ILE A 128 5.39 15.50 0.78
CA ILE A 128 5.34 16.20 2.06
C ILE A 128 6.70 16.89 2.23
N PRO A 129 6.77 18.23 2.25
CA PRO A 129 8.08 18.86 2.42
C PRO A 129 8.68 18.57 3.79
N ALA A 130 10.02 18.52 3.79
CA ALA A 130 10.85 18.56 5.00
C ALA A 130 10.52 19.83 5.77
N LEU A 131 10.13 19.68 7.03
CA LEU A 131 9.54 20.79 7.75
C LEU A 131 8.90 20.25 9.03
N ASP A 135 15.46 17.18 8.50
CA ASP A 135 14.28 16.34 8.16
C ASP A 135 14.35 15.94 6.68
N PRO A 136 14.06 14.67 6.28
CA PRO A 136 13.96 14.33 4.85
C PRO A 136 12.61 14.77 4.27
N GLU A 137 12.54 15.02 2.95
CA GLU A 137 11.20 15.12 2.38
C GLU A 137 10.62 13.72 2.22
N THR A 138 9.30 13.65 2.13
CA THR A 138 8.67 12.33 2.05
C THR A 138 7.68 12.29 0.89
N TRP A 139 7.59 11.15 0.19
CA TRP A 139 6.49 10.93 -0.73
C TRP A 139 5.61 9.83 -0.14
N ILE A 140 4.30 10.00 -0.25
CA ILE A 140 3.33 9.04 0.28
C ILE A 140 2.24 8.76 -0.75
N VAL A 141 1.87 7.46 -0.88
CA VAL A 141 0.61 7.13 -1.52
C VAL A 141 -0.30 6.59 -0.43
N CYS A 142 -1.50 7.15 -0.35
CA CYS A 142 -2.53 6.61 0.52
C CYS A 142 -3.68 6.05 -0.31
N ASN A 143 -4.07 4.80 0.01
CA ASN A 143 -5.25 4.18 -0.60
C ASN A 143 -6.24 3.89 0.52
N PHE A 144 -7.42 4.52 0.49
CA PHE A 144 -8.36 4.25 1.58
C PHE A 144 -9.79 4.15 1.06
N SER A 145 -10.57 3.22 1.64
CA SER A 145 -11.93 2.99 1.17
C SER A 145 -12.81 4.25 1.29
N VAL A 146 -13.65 4.45 0.27
CA VAL A 146 -14.64 5.51 0.23
C VAL A 146 -15.94 4.94 -0.36
N ASP A 147 -17.06 5.64 -0.11
CA ASP A 147 -18.35 5.28 -0.71
C ASP A 147 -18.52 6.03 -2.02
N HIS A 148 -19.17 5.38 -3.00
CA HIS A 148 -19.39 5.94 -4.34
C HIS A 148 -20.61 5.31 -4.97
N ASP A 149 -21.46 6.13 -5.61
CA ASP A 149 -22.63 5.68 -6.34
C ASP A 149 -22.33 4.81 -7.56
N SER A 150 -21.15 4.95 -8.17
CA SER A 150 -20.88 4.20 -9.41
C SER A 150 -20.09 2.91 -9.17
N ALA A 151 -20.18 2.44 -7.92
CA ALA A 151 -19.74 1.13 -7.50
C ALA A 151 -20.60 0.11 -8.21
N PRO A 152 -20.05 -0.91 -8.94
CA PRO A 152 -20.88 -1.98 -9.52
C PRO A 152 -21.54 -2.92 -8.50
N LEU A 153 -22.69 -3.48 -8.90
CA LEU A 153 -23.24 -4.73 -8.38
C LEU A 153 -22.26 -5.85 -8.79
N ASN A 154 -21.65 -6.49 -7.79
CA ASN A 154 -20.86 -7.71 -8.03
C ASN A 154 -21.27 -8.75 -6.97
N ASN A 155 -22.14 -9.67 -7.39
CA ASN A 155 -22.78 -10.57 -6.46
C ASN A 155 -21.79 -11.64 -6.06
N ARG A 156 -20.68 -11.78 -6.80
CA ARG A 156 -19.71 -12.80 -6.36
C ARG A 156 -18.87 -12.30 -5.16
N CYS A 157 -18.89 -11.00 -4.88
CA CYS A 157 -17.86 -10.42 -4.01
C CYS A 157 -18.41 -9.84 -2.71
N VAL A 158 -17.64 -10.00 -1.61
CA VAL A 158 -17.84 -9.28 -0.34
C VAL A 158 -16.97 -8.04 -0.38
N ARG A 159 -17.50 -6.92 0.10
CA ARG A 159 -16.74 -5.68 0.00
C ARG A 159 -15.77 -5.51 1.16
N ALA A 160 -14.47 -5.54 0.87
CA ALA A 160 -13.46 -5.28 1.89
C ALA A 160 -13.27 -3.77 2.01
N LYS A 161 -12.72 -3.33 3.15
CA LYS A 161 -12.37 -1.94 3.33
C LYS A 161 -10.90 -1.83 3.69
N ILE A 162 -10.20 -0.83 3.15
CA ILE A 162 -8.74 -0.78 3.30
C ILE A 162 -8.34 0.61 3.71
N ASN A 163 -7.21 0.66 4.44
CA ASN A 163 -6.45 1.90 4.65
C ASN A 163 -4.97 1.53 4.55
N VAL A 164 -4.34 1.90 3.42
CA VAL A 164 -2.99 1.48 3.06
C VAL A 164 -2.16 2.75 2.83
N ALA A 165 -0.90 2.72 3.28
CA ALA A 165 0.00 3.79 2.86
C ALA A 165 1.35 3.21 2.52
N MET A 166 1.97 3.77 1.49
CA MET A 166 3.33 3.49 1.13
C MET A 166 4.10 4.81 1.32
N ILE A 167 5.01 4.84 2.31
CA ILE A 167 5.64 6.12 2.72
C ILE A 167 7.12 6.02 2.40
N CYS A 168 7.68 7.00 1.65
CA CYS A 168 9.04 6.78 1.18
C CYS A 168 9.95 7.98 1.47
N GLN A 169 11.14 7.73 2.06
CA GLN A 169 12.14 8.77 2.32
C GLN A 169 13.42 8.37 1.61
N THR A 170 14.15 9.35 1.06
CA THR A 170 15.24 9.04 0.16
C THR A 170 16.56 9.53 0.75
N LEU A 171 17.59 8.71 0.75
CA LEU A 171 18.88 9.10 1.31
C LEU A 171 19.82 9.12 0.13
N VAL A 172 20.68 10.14 0.07
CA VAL A 172 21.68 10.22 -0.97
C VAL A 172 23.06 10.39 -0.32
N SER A 173 24.09 9.75 -0.90
CA SER A 173 25.47 9.95 -0.50
C SER A 173 25.71 11.38 0.05
N GLU A 180 27.92 14.86 -9.51
CA GLU A 180 26.75 14.32 -10.25
C GLU A 180 26.26 13.02 -9.60
N ILE A 181 24.96 12.90 -9.33
CA ILE A 181 24.49 11.81 -8.47
C ILE A 181 24.13 10.58 -9.29
N SER A 182 24.63 9.43 -8.80
CA SER A 182 24.49 8.13 -9.44
C SER A 182 23.41 7.31 -8.69
N ARG A 183 22.74 6.37 -9.37
CA ARG A 183 21.84 5.40 -8.72
C ARG A 183 22.56 4.65 -7.59
N ASP A 184 23.87 4.39 -7.79
CA ASP A 184 24.67 3.72 -6.77
C ASP A 184 24.61 4.48 -5.45
N ASN A 185 24.32 5.78 -5.49
CA ASN A 185 24.49 6.51 -4.24
C ASN A 185 23.14 6.81 -3.59
N ILE A 186 22.05 6.18 -4.07
CA ILE A 186 20.74 6.54 -3.53
C ILE A 186 20.11 5.30 -2.88
N LEU A 187 19.40 5.50 -1.76
CA LEU A 187 18.65 4.43 -1.09
C LEU A 187 17.24 4.96 -0.78
N CYS A 188 16.19 4.18 -1.09
CA CYS A 188 14.85 4.59 -0.70
C CYS A 188 14.43 3.79 0.54
N LYS A 189 14.07 4.47 1.63
CA LYS A 189 13.57 3.78 2.81
C LYS A 189 12.05 3.79 2.78
N ILE A 190 11.41 2.61 2.81
CA ILE A 190 9.96 2.51 2.68
C ILE A 190 9.39 2.07 4.02
N THR A 191 8.26 2.68 4.38
CA THR A 191 7.37 2.12 5.38
C THR A 191 6.04 1.88 4.65
N TYR A 192 5.53 0.65 4.79
CA TYR A 192 4.31 0.25 4.15
C TYR A 192 3.36 -0.23 5.23
N VAL A 193 2.13 0.33 5.28
CA VAL A 193 1.19 -0.16 6.27
C VAL A 193 -0.13 -0.51 5.57
N ALA A 194 -0.79 -1.57 6.04
CA ALA A 194 -2.07 -1.94 5.43
C ALA A 194 -2.98 -2.43 6.56
N ASN A 195 -4.15 -1.78 6.66
CA ASN A 195 -5.19 -2.19 7.59
C ASN A 195 -6.38 -2.59 6.73
N VAL A 196 -6.67 -3.88 6.71
CA VAL A 196 -7.68 -4.42 5.82
C VAL A 196 -8.78 -5.10 6.63
N ASN A 197 -10.02 -4.65 6.37
CA ASN A 197 -11.19 -5.31 6.96
C ASN A 197 -11.78 -6.16 5.84
N PRO A 198 -11.73 -7.49 5.94
CA PRO A 198 -12.24 -8.34 4.86
C PRO A 198 -13.74 -8.32 4.58
N GLY A 199 -14.52 -7.79 5.52
N GLY A 199 -14.51 -7.58 5.40
CA GLY A 199 -15.87 -7.32 5.25
CA GLY A 199 -15.88 -7.15 5.07
C GLY A 199 -16.95 -8.15 5.92
C GLY A 199 -16.95 -8.18 5.40
N GLY A 200 -16.91 -9.46 5.67
N GLY A 200 -16.51 -9.26 6.02
CA GLY A 200 -17.77 -10.40 6.33
CA GLY A 200 -17.45 -10.34 6.26
C GLY A 200 -16.85 -11.47 6.88
C GLY A 200 -16.64 -11.59 6.55
N TRP A 201 -17.31 -12.71 6.87
CA TRP A 201 -16.55 -13.83 7.43
C TRP A 201 -15.57 -14.45 6.44
N ALA A 202 -14.41 -14.90 6.94
CA ALA A 202 -13.54 -15.76 6.15
C ALA A 202 -12.72 -16.51 7.17
N PRO A 203 -12.20 -17.73 6.87
CA PRO A 203 -11.52 -18.51 7.91
C PRO A 203 -10.29 -17.73 8.29
N ALA A 204 -10.05 -17.59 9.61
CA ALA A 204 -8.93 -16.84 10.13
C ALA A 204 -7.61 -17.44 9.60
N SER A 205 -7.53 -18.79 9.56
CA SER A 205 -6.28 -19.40 9.15
C SER A 205 -5.91 -19.04 7.71
N VAL A 206 -6.91 -18.92 6.84
CA VAL A 206 -6.76 -18.60 5.41
C VAL A 206 -6.28 -17.14 5.29
N LEU A 207 -6.98 -16.22 5.96
CA LEU A 207 -6.56 -14.81 5.86
C LEU A 207 -5.12 -14.64 6.32
N ARG A 208 -4.73 -15.28 7.45
CA ARG A 208 -3.40 -15.14 8.00
C ARG A 208 -2.34 -15.74 7.09
N ALA A 209 -2.67 -16.84 6.43
CA ALA A 209 -1.71 -17.47 5.53
C ALA A 209 -1.56 -16.64 4.25
N VAL A 210 -2.66 -16.11 3.72
CA VAL A 210 -2.61 -15.23 2.55
C VAL A 210 -1.73 -14.00 2.87
N ALA A 211 -1.97 -13.33 4.01
CA ALA A 211 -1.16 -12.17 4.37
C ALA A 211 0.32 -12.55 4.45
N LYS A 212 0.61 -13.67 5.14
CA LYS A 212 1.98 -13.94 5.47
C LYS A 212 2.76 -14.26 4.20
N ARG A 213 2.09 -14.86 3.24
CA ARG A 213 2.68 -15.17 1.95
C ARG A 213 2.72 -13.92 1.04
N GLU A 214 1.60 -13.21 0.92
CA GLU A 214 1.41 -12.27 -0.20
C GLU A 214 2.08 -10.93 0.09
N TYR A 215 2.14 -10.51 1.36
CA TYR A 215 2.75 -9.19 1.61
C TYR A 215 4.25 -9.17 1.28
N PRO A 216 5.06 -10.13 1.78
CA PRO A 216 6.50 -10.18 1.44
C PRO A 216 6.71 -10.37 -0.07
N LYS A 217 5.87 -11.16 -0.72
CA LYS A 217 5.97 -11.39 -2.15
C LYS A 217 5.75 -10.10 -2.92
N PHE A 218 4.71 -9.35 -2.52
CA PHE A 218 4.41 -8.04 -3.12
C PHE A 218 5.62 -7.10 -2.92
N LEU A 219 6.14 -7.01 -1.69
CA LEU A 219 7.14 -5.99 -1.43
C LEU A 219 8.39 -6.36 -2.23
N LYS A 220 8.74 -7.63 -2.27
CA LYS A 220 9.92 -7.97 -3.08
C LYS A 220 9.68 -7.70 -4.55
N ARG A 221 8.53 -8.12 -5.04
CA ARG A 221 8.22 -8.06 -6.45
C ARG A 221 8.11 -6.61 -6.95
N PHE A 222 7.33 -5.82 -6.20
CA PHE A 222 7.10 -4.43 -6.53
C PHE A 222 8.42 -3.65 -6.46
N THR A 223 9.22 -3.80 -5.40
CA THR A 223 10.45 -3.01 -5.34
C THR A 223 11.45 -3.41 -6.43
N SER A 224 11.50 -4.72 -6.79
CA SER A 224 12.39 -5.16 -7.87
C SER A 224 11.94 -4.59 -9.22
N TYR A 225 10.63 -4.56 -9.43
CA TYR A 225 10.10 -3.95 -10.62
C TYR A 225 10.50 -2.46 -10.74
N VAL A 226 10.43 -1.70 -9.63
CA VAL A 226 10.78 -0.28 -9.74
C VAL A 226 12.28 -0.16 -10.08
N GLN A 227 13.07 -1.00 -9.47
CA GLN A 227 14.51 -1.02 -9.73
C GLN A 227 14.76 -1.30 -11.22
N GLU A 228 14.03 -2.28 -11.77
CA GLU A 228 14.21 -2.64 -13.16
C GLU A 228 13.74 -1.53 -14.10
N LYS A 229 12.64 -0.82 -13.79
CA LYS A 229 12.07 0.08 -14.76
C LYS A 229 12.87 1.38 -14.80
N THR A 230 13.58 1.68 -13.71
CA THR A 230 14.20 2.98 -13.57
C THR A 230 15.69 2.92 -13.91
N ALA A 231 16.29 1.73 -13.84
CA ALA A 231 17.73 1.62 -14.04
C ALA A 231 18.08 2.26 -15.39
N GLY A 232 19.09 3.14 -15.40
CA GLY A 232 19.49 3.76 -16.65
C GLY A 232 18.57 4.90 -17.09
N LYS A 233 17.54 5.23 -16.32
CA LYS A 233 16.76 6.42 -16.63
C LYS A 233 17.30 7.55 -15.76
N PRO A 234 17.32 8.83 -16.23
CA PRO A 234 17.60 9.94 -15.34
C PRO A 234 16.81 9.81 -14.04
N ILE A 235 17.42 10.25 -12.93
CA ILE A 235 16.84 10.10 -11.61
C ILE A 235 15.79 11.18 -11.39
N LEU A 236 14.62 10.71 -11.01
CA LEU A 236 13.56 11.64 -10.69
C LEU A 236 13.45 11.73 -9.17
N PHE A 237 14.07 12.76 -8.59
CA PHE A 237 13.98 12.99 -7.17
C PHE A 237 12.60 13.54 -6.77
C5 B8X B . -5.53 -7.35 0.92
C4 B8X B . -6.27 -8.43 1.40
C3 B8X B . -7.64 -8.55 1.04
C6 B8X B . -6.13 -6.41 0.03
C11 B8X B . -5.90 -4.15 -1.07
C10 B8X B . -5.31 -5.31 -0.48
C1 B8X B . -7.49 -6.54 -0.31
C8 B8X B . -3.05 -4.38 -0.86
C12 B8X B . -5.04 -3.13 -1.56
O1 B8X B . -1.30 -2.14 -1.39
S1 B8X B . -2.62 -1.92 -1.98
O2 B8X B . -3.51 -0.77 -1.85
C20 B8X B . -2.18 -2.12 -3.76
C21 B8X B . -3.43 -1.87 -4.66
O3 B8X B . -4.11 -3.13 -4.77
C7 B8X B . -3.69 -3.24 -1.41
C9 B8X B . -3.90 -5.41 -0.40
C24 B8X B . -8.39 -9.75 1.60
C25 B8X B . -8.81 -10.72 0.46
C25 B8X B . -9.70 -9.59 2.32
C26 B8X B . -9.59 -11.95 0.92
C26 B8X B . -10.20 -11.05 2.43
C23 B8X B . -8.28 -7.65 0.17
C13 B8X B . -5.60 -9.42 2.36
C30 B8X B . -5.53 -10.87 2.02
C14 B8X B . -4.23 -10.05 2.06
C18 B8X B . -3.50 -9.75 0.76
N1 B8X B . -4.23 -10.08 -0.38
C19 B8X B . -3.68 -9.79 -1.60
C15 B8X B . -2.38 -9.19 -1.73
C16 B8X B . -1.62 -8.88 -0.57
C17 B8X B . -2.21 -9.16 0.69
#